data_3MWB
#
_entry.id   3MWB
#
_cell.length_a   84.120
_cell.length_b   107.155
_cell.length_c   137.692
_cell.angle_alpha   90.000
_cell.angle_beta   90.000
_cell.angle_gamma   90.000
#
_symmetry.space_group_name_H-M   'C 2 2 21'
#
loop_
_entity.id
_entity.type
_entity.pdbx_description
1 polymer 'Prephenate dehydratase'
2 non-polymer PHENYLALANINE
3 non-polymer 'MAGNESIUM ION'
4 water water
#
_entity_poly.entity_id   1
_entity_poly.type   'polypeptide(L)'
_entity_poly.pdbx_seq_one_letter_code
;SNA(MSE)SAVTYTFLGPQGTFTEAAL(MSE)QVPGAADATRIPCTNVNTALERVRAGEADAA(MSE)VPIENSVEGGVT
ATLDAIATGQELRIIREALVPITFVLVARPGVELSDIKRISTHGHAWAQCRLWVDEHLPNADYVPGSSTAASA(MSE)GL
LEDDAPYEAAICAPLIAAEQPGLNVLAEDIGDNPDAVTRFILVSRPGALPERTGADKTTVVVPLPEDHPGAL(MSE)EIL
DQFASRGVNLSRIESRPTGQYLGHYFFSIDADGHATDSRVADALAGLHRISPATRFLGSYARADKQPAVVAPHTSDAAFA
SAHAWVDSILKGS
;
_entity_poly.pdbx_strand_id   A,B
#
loop_
_chem_comp.id
_chem_comp.type
_chem_comp.name
_chem_comp.formula
MG non-polymer 'MAGNESIUM ION' 'Mg 2'
#
# COMPACT_ATOMS: atom_id res chain seq x y z
N VAL A 7 29.68 -11.63 -1.54
CA VAL A 7 28.21 -11.45 -1.24
C VAL A 7 27.71 -9.98 -1.33
N THR A 8 26.68 -9.76 -2.15
CA THR A 8 26.26 -8.42 -2.48
C THR A 8 24.77 -8.23 -2.20
N TYR A 9 24.44 -7.22 -1.42
CA TYR A 9 23.06 -6.87 -1.19
C TYR A 9 22.73 -5.55 -1.84
N THR A 10 21.50 -5.45 -2.34
CA THR A 10 20.94 -4.16 -2.64
C THR A 10 19.83 -3.88 -1.60
N PHE A 11 19.41 -2.62 -1.55
CA PHE A 11 18.33 -2.20 -0.67
C PHE A 11 17.79 -0.89 -1.17
N LEU A 12 16.60 -0.54 -0.70
CA LEU A 12 15.98 0.71 -1.04
C LEU A 12 16.78 1.82 -0.37
N GLY A 13 17.41 2.67 -1.17
CA GLY A 13 18.26 3.72 -0.66
C GLY A 13 17.46 4.97 -0.37
N PRO A 14 18.15 6.06 0.00
CA PRO A 14 19.62 6.12 0.07
C PRO A 14 20.19 5.47 1.35
N GLN A 15 21.49 5.66 1.58
CA GLN A 15 22.10 5.15 2.81
CA GLN A 15 22.12 5.16 2.81
C GLN A 15 21.50 5.86 4.04
N GLY A 16 21.46 5.17 5.18
CA GLY A 16 21.02 5.80 6.43
C GLY A 16 19.53 5.79 6.69
N THR A 17 18.76 5.24 5.75
CA THR A 17 17.32 5.04 5.94
C THR A 17 17.05 3.92 6.94
N PHE A 18 15.77 3.79 7.34
CA PHE A 18 15.34 2.65 8.12
C PHE A 18 15.58 1.33 7.37
N THR A 19 15.44 1.37 6.04
CA THR A 19 15.74 0.18 5.24
C THR A 19 17.19 -0.30 5.41
N GLU A 20 18.16 0.59 5.29
CA GLU A 20 19.55 0.17 5.51
C GLU A 20 19.74 -0.41 6.91
N ALA A 21 19.26 0.32 7.92
CA ALA A 21 19.32 -0.12 9.31
C ALA A 21 18.84 -1.57 9.47
N ALA A 22 17.81 -1.93 8.71
CA ALA A 22 17.24 -3.28 8.71
C ALA A 22 18.14 -4.32 8.04
N LEU A 23 18.70 -3.98 6.88
CA LEU A 23 19.71 -4.82 6.24
C LEU A 23 20.86 -5.07 7.20
N MSE A 24 21.23 -4.03 7.94
CA MSE A 24 22.36 -4.06 8.86
CA MSE A 24 22.39 -4.09 8.83
C MSE A 24 22.23 -5.12 9.95
O MSE A 24 23.23 -5.54 10.56
CB MSE A 24 22.59 -2.68 9.49
CB MSE A 24 22.73 -2.69 9.35
CG MSE A 24 23.36 -1.72 8.59
CG MSE A 24 23.60 -1.87 8.38
SE MSE A 24 25.06 -2.49 8.09
SE MSE A 24 23.74 0.04 8.76
CE MSE A 24 24.41 -4.20 7.47
CE MSE A 24 25.60 0.32 8.25
N GLN A 25 20.98 -5.55 10.22
CA GLN A 25 20.68 -6.55 11.25
CA GLN A 25 20.76 -6.54 11.27
C GLN A 25 20.80 -8.00 10.76
N VAL A 26 20.83 -8.20 9.45
CA VAL A 26 20.96 -9.55 8.86
C VAL A 26 22.38 -10.07 9.09
N PRO A 27 22.52 -11.32 9.59
CA PRO A 27 23.88 -11.84 9.90
C PRO A 27 24.84 -11.74 8.71
N GLY A 28 26.07 -11.31 8.97
CA GLY A 28 27.10 -11.13 7.94
C GLY A 28 27.01 -9.86 7.10
N ALA A 29 25.91 -9.11 7.24
CA ALA A 29 25.66 -7.97 6.35
C ALA A 29 26.52 -6.74 6.64
N ALA A 30 26.86 -6.53 7.91
CA ALA A 30 27.69 -5.40 8.32
C ALA A 30 29.08 -5.40 7.64
N ASP A 31 29.52 -6.58 7.23
CA ASP A 31 30.79 -6.73 6.52
C ASP A 31 30.61 -7.14 5.06
N ALA A 32 29.37 -7.07 4.56
CA ALA A 32 29.08 -7.39 3.16
C ALA A 32 28.90 -6.11 2.33
N THR A 33 28.91 -6.27 1.01
CA THR A 33 28.70 -5.15 0.10
C THR A 33 27.23 -4.78 0.13
N ARG A 34 26.94 -3.55 0.47
CA ARG A 34 25.56 -3.04 0.50
C ARG A 34 25.40 -1.89 -0.49
N ILE A 35 24.58 -2.14 -1.50
CA ILE A 35 24.35 -1.19 -2.58
CA ILE A 35 24.37 -1.17 -2.57
C ILE A 35 23.00 -0.49 -2.41
N PRO A 36 23.01 0.84 -2.21
CA PRO A 36 21.71 1.52 -2.16
C PRO A 36 21.14 1.73 -3.54
N CYS A 37 19.83 1.53 -3.70
CA CYS A 37 19.21 1.69 -5.00
C CYS A 37 18.11 2.72 -4.90
N THR A 38 17.89 3.42 -6.01
CA THR A 38 16.90 4.49 -6.13
C THR A 38 15.50 4.05 -5.69
N ASN A 39 15.08 2.89 -6.18
CA ASN A 39 13.74 2.38 -5.87
C ASN A 39 13.72 0.87 -5.70
N VAL A 40 12.57 0.35 -5.27
CA VAL A 40 12.41 -1.07 -5.12
C VAL A 40 12.68 -1.85 -6.42
N ASN A 41 12.16 -1.38 -7.56
CA ASN A 41 12.37 -2.12 -8.79
C ASN A 41 13.86 -2.24 -9.12
N THR A 42 14.58 -1.12 -9.03
CA THR A 42 16.03 -1.10 -9.27
C THR A 42 16.76 -2.06 -8.35
N ALA A 43 16.34 -2.11 -7.08
CA ALA A 43 16.95 -3.07 -6.12
C ALA A 43 16.77 -4.50 -6.62
N LEU A 44 15.54 -4.83 -7.01
CA LEU A 44 15.22 -6.20 -7.44
C LEU A 44 15.83 -6.54 -8.79
N GLU A 45 15.87 -5.55 -9.67
CA GLU A 45 16.44 -5.68 -11.00
C GLU A 45 17.86 -6.22 -10.89
N ARG A 46 18.65 -5.65 -9.97
CA ARG A 46 20.04 -6.06 -9.82
C ARG A 46 20.13 -7.54 -9.43
N VAL A 47 19.22 -7.99 -8.56
CA VAL A 47 19.16 -9.39 -8.15
C VAL A 47 18.79 -10.27 -9.36
N ARG A 48 17.71 -9.89 -10.04
CA ARG A 48 17.26 -10.61 -11.24
C ARG A 48 18.36 -10.74 -12.33
N ALA A 49 19.17 -9.69 -12.51
CA ALA A 49 20.22 -9.66 -13.52
C ALA A 49 21.46 -10.47 -13.15
N GLY A 50 21.49 -11.02 -11.95
CA GLY A 50 22.64 -11.81 -11.52
C GLY A 50 23.75 -11.01 -10.87
N GLU A 51 23.49 -9.74 -10.53
CA GLU A 51 24.54 -8.82 -10.08
C GLU A 51 24.47 -8.50 -8.59
N ALA A 52 23.48 -9.05 -7.89
CA ALA A 52 23.42 -8.96 -6.44
C ALA A 52 22.83 -10.26 -5.93
N ASP A 53 23.19 -10.64 -4.72
CA ASP A 53 22.68 -11.89 -4.18
C ASP A 53 21.25 -11.77 -3.67
N ALA A 54 20.94 -10.66 -3.00
CA ALA A 54 19.62 -10.49 -2.42
C ALA A 54 19.33 -9.01 -2.29
N ALA A 55 18.04 -8.67 -2.22
CA ALA A 55 17.63 -7.28 -2.11
C ALA A 55 16.74 -7.14 -0.88
N MSE A 56 17.01 -6.13 -0.05
CA MSE A 56 16.26 -5.87 1.16
C MSE A 56 15.24 -4.75 0.90
O MSE A 56 15.61 -3.59 0.69
CB MSE A 56 17.16 -5.49 2.32
CG MSE A 56 16.44 -5.35 3.67
SE MSE A 56 15.72 -7.08 4.35
CE MSE A 56 17.31 -7.94 5.06
N VAL A 57 13.95 -5.11 0.94
CA VAL A 57 12.89 -4.17 0.59
C VAL A 57 11.78 -4.21 1.62
N PRO A 58 11.10 -3.07 1.85
CA PRO A 58 10.03 -3.06 2.85
C PRO A 58 8.76 -3.68 2.28
N ILE A 59 7.95 -4.26 3.16
CA ILE A 59 6.68 -4.85 2.72
C ILE A 59 5.49 -4.45 3.59
N GLU A 60 5.75 -3.88 4.76
CA GLU A 60 4.68 -3.32 5.61
C GLU A 60 5.21 -2.22 6.54
N ASN A 61 4.48 -1.10 6.60
CA ASN A 61 4.71 -0.04 7.58
C ASN A 61 6.06 0.63 7.44
N SER A 62 6.40 0.99 6.20
CA SER A 62 7.68 1.59 5.86
C SER A 62 7.65 3.10 6.11
N VAL A 63 8.64 3.55 6.88
CA VAL A 63 8.77 4.96 7.23
C VAL A 63 9.23 5.75 5.99
N GLU A 64 9.73 5.02 5.00
CA GLU A 64 10.39 5.60 3.84
C GLU A 64 9.56 5.44 2.57
N GLY A 65 8.40 4.81 2.69
CA GLY A 65 7.63 4.40 1.51
C GLY A 65 8.20 3.11 0.91
N GLY A 66 7.85 2.84 -0.34
CA GLY A 66 8.31 1.62 -1.00
C GLY A 66 7.40 0.38 -0.92
N VAL A 67 6.41 0.37 -0.04
CA VAL A 67 5.59 -0.86 0.16
C VAL A 67 4.77 -1.33 -1.07
N THR A 68 3.98 -0.44 -1.66
CA THR A 68 3.23 -0.82 -2.86
C THR A 68 4.17 -1.19 -4.02
N ALA A 69 5.28 -0.47 -4.15
CA ALA A 69 6.28 -0.85 -5.14
C ALA A 69 6.69 -2.31 -4.97
N THR A 70 6.92 -2.72 -3.73
CA THR A 70 7.37 -4.07 -3.43
C THR A 70 6.35 -5.12 -3.86
N LEU A 71 5.09 -4.87 -3.50
CA LEU A 71 3.99 -5.80 -3.76
C LEU A 71 3.79 -5.97 -5.25
N ASP A 72 3.96 -4.90 -6.01
CA ASP A 72 3.77 -5.00 -7.46
C ASP A 72 4.99 -5.67 -8.11
N ALA A 73 6.18 -5.33 -7.61
CA ALA A 73 7.42 -5.80 -8.25
C ALA A 73 7.60 -7.33 -8.17
N ILE A 74 7.23 -7.90 -7.02
CA ILE A 74 7.43 -9.34 -6.80
C ILE A 74 6.32 -10.19 -7.41
N ALA A 75 5.34 -9.52 -8.02
CA ALA A 75 4.16 -10.18 -8.60
C ALA A 75 4.30 -10.39 -10.09
N THR A 76 5.37 -9.88 -10.68
CA THR A 76 5.55 -9.99 -12.14
C THR A 76 7.01 -10.12 -12.46
N GLY A 77 7.30 -10.70 -13.62
CA GLY A 77 8.64 -10.72 -14.16
C GLY A 77 9.41 -11.94 -13.70
N GLN A 78 10.73 -11.84 -13.70
CA GLN A 78 11.58 -12.95 -13.35
C GLN A 78 11.24 -13.50 -11.96
N GLU A 79 11.28 -14.82 -11.82
CA GLU A 79 11.01 -15.46 -10.54
C GLU A 79 11.97 -14.97 -9.43
N LEU A 80 11.41 -14.78 -8.24
CA LEU A 80 12.16 -14.39 -7.05
C LEU A 80 11.69 -15.21 -5.85
N ARG A 81 12.52 -15.26 -4.80
CA ARG A 81 12.13 -15.90 -3.55
C ARG A 81 12.50 -15.06 -2.33
N ILE A 82 11.55 -14.92 -1.42
CA ILE A 82 11.84 -14.41 -0.10
C ILE A 82 12.61 -15.47 0.68
N ILE A 83 13.81 -15.12 1.15
CA ILE A 83 14.63 -16.04 1.94
C ILE A 83 14.66 -15.69 3.43
N ARG A 84 14.23 -14.47 3.77
CA ARG A 84 14.25 -13.95 5.13
C ARG A 84 13.26 -12.82 5.26
N GLU A 85 12.66 -12.72 6.44
CA GLU A 85 11.86 -11.56 6.75
C GLU A 85 12.45 -10.93 8.01
N ALA A 86 12.27 -9.62 8.17
CA ALA A 86 12.69 -8.89 9.37
C ALA A 86 11.59 -7.97 9.88
N LEU A 87 11.45 -7.92 11.20
CA LEU A 87 10.51 -7.01 11.82
C LEU A 87 11.34 -6.08 12.69
N VAL A 88 11.53 -4.85 12.20
CA VAL A 88 12.45 -3.90 12.83
C VAL A 88 11.70 -2.77 13.55
N PRO A 89 11.83 -2.70 14.90
CA PRO A 89 11.26 -1.61 15.73
C PRO A 89 11.68 -0.22 15.23
N ILE A 90 10.73 0.69 15.16
CA ILE A 90 10.96 2.02 14.63
C ILE A 90 11.20 2.97 15.80
N THR A 91 12.33 3.68 15.76
CA THR A 91 12.68 4.68 16.75
C THR A 91 13.04 5.96 15.99
N PHE A 92 12.44 7.07 16.38
CA PHE A 92 12.71 8.33 15.67
C PHE A 92 13.59 9.25 16.52
N VAL A 93 14.57 9.88 15.89
CA VAL A 93 15.34 10.93 16.52
C VAL A 93 15.11 12.27 15.80
N LEU A 94 15.19 13.35 16.57
CA LEU A 94 15.16 14.70 16.04
C LEU A 94 16.60 15.20 15.97
N VAL A 95 16.98 15.67 14.79
CA VAL A 95 18.37 15.89 14.46
C VAL A 95 18.59 17.32 13.94
N ALA A 96 19.74 17.89 14.25
CA ALA A 96 20.10 19.26 13.81
C ALA A 96 21.62 19.46 13.85
N ARG A 97 22.10 20.52 13.22
CA ARG A 97 23.53 20.85 13.28
C ARG A 97 23.89 21.26 14.71
N PRO A 98 25.16 21.05 15.12
CA PRO A 98 25.66 21.49 16.44
C PRO A 98 25.39 22.98 16.71
N GLY A 99 24.99 23.29 17.94
CA GLY A 99 24.73 24.67 18.34
C GLY A 99 23.27 25.07 18.22
N VAL A 100 22.54 24.35 17.37
CA VAL A 100 21.11 24.59 17.18
C VAL A 100 20.31 23.95 18.32
N GLU A 101 19.45 24.75 18.96
CA GLU A 101 18.63 24.28 20.08
C GLU A 101 17.16 24.27 19.67
N LEU A 102 16.31 23.70 20.52
CA LEU A 102 14.86 23.63 20.27
C LEU A 102 14.22 24.97 19.87
N SER A 103 14.54 26.02 20.61
CA SER A 103 14.05 27.38 20.30
C SER A 103 14.44 27.89 18.90
N ASP A 104 15.47 27.32 18.31
CA ASP A 104 15.95 27.74 16.98
C ASP A 104 15.23 27.08 15.79
N ILE A 105 14.29 26.18 16.05
CA ILE A 105 13.65 25.39 14.99
C ILE A 105 12.29 25.95 14.54
N LYS A 106 12.22 26.39 13.29
CA LYS A 106 10.96 26.84 12.71
C LYS A 106 10.45 25.85 11.66
N ARG A 107 11.37 25.09 11.07
CA ARG A 107 11.04 24.15 10.01
C ARG A 107 11.70 22.77 10.20
N ILE A 108 10.93 21.70 10.05
CA ILE A 108 11.41 20.32 10.21
C ILE A 108 11.12 19.52 8.93
N SER A 109 12.15 18.87 8.38
CA SER A 109 12.00 18.05 7.19
C SER A 109 12.09 16.55 7.51
N THR A 110 11.20 15.78 6.90
CA THR A 110 11.20 14.32 7.01
C THR A 110 10.27 13.74 5.96
N HIS A 111 10.28 12.41 5.85
CA HIS A 111 9.30 11.73 5.03
C HIS A 111 7.95 11.88 5.71
N GLY A 112 6.89 12.09 4.94
CA GLY A 112 5.52 12.20 5.47
C GLY A 112 5.08 11.09 6.42
N HIS A 113 5.56 9.88 6.17
CA HIS A 113 5.25 8.73 7.04
C HIS A 113 5.86 8.88 8.44
N ALA A 114 7.06 9.44 8.50
CA ALA A 114 7.69 9.75 9.78
C ALA A 114 6.96 10.90 10.50
N TRP A 115 6.70 11.97 9.76
CA TRP A 115 6.01 13.12 10.30
C TRP A 115 4.72 12.73 11.00
N ALA A 116 3.89 11.95 10.30
CA ALA A 116 2.56 11.56 10.78
C ALA A 116 2.60 10.75 12.08
N GLN A 117 3.74 10.14 12.37
CA GLN A 117 3.90 9.33 13.57
C GLN A 117 4.61 10.05 14.70
N CYS A 118 5.02 11.29 14.50
CA CYS A 118 5.73 12.06 15.52
C CYS A 118 4.93 13.27 16.00
N ARG A 119 3.64 13.28 15.65
CA ARG A 119 2.75 14.38 16.00
C ARG A 119 2.71 14.76 17.47
N LEU A 120 2.65 13.77 18.36
CA LEU A 120 2.42 14.03 19.78
C LEU A 120 3.54 14.88 20.38
N TRP A 121 4.77 14.38 20.21
CA TRP A 121 5.96 15.07 20.67
C TRP A 121 6.13 16.44 20.00
N VAL A 122 6.03 16.48 18.67
CA VAL A 122 6.18 17.76 17.97
C VAL A 122 5.15 18.82 18.40
N ASP A 123 3.86 18.48 18.41
CA ASP A 123 2.82 19.43 18.85
C ASP A 123 3.09 19.96 20.26
N GLU A 124 3.60 19.09 21.12
CA GLU A 124 3.83 19.44 22.52
C GLU A 124 5.05 20.33 22.68
N HIS A 125 6.16 19.94 22.06
CA HIS A 125 7.44 20.58 22.30
C HIS A 125 7.89 21.57 21.22
N LEU A 126 7.39 21.40 20.00
CA LEU A 126 7.62 22.39 18.93
C LEU A 126 6.30 22.82 18.24
N PRO A 127 5.39 23.45 19.01
CA PRO A 127 4.05 23.73 18.49
C PRO A 127 4.04 24.70 17.29
N ASN A 128 5.08 25.51 17.15
CA ASN A 128 5.14 26.52 16.09
C ASN A 128 5.95 26.11 14.87
N ALA A 129 6.48 24.90 14.91
CA ALA A 129 7.32 24.38 13.85
C ALA A 129 6.48 23.93 12.66
N ASP A 130 6.97 24.21 11.46
CA ASP A 130 6.30 23.77 10.24
C ASP A 130 7.01 22.60 9.59
N TYR A 131 6.22 21.65 9.10
CA TYR A 131 6.72 20.48 8.40
C TYR A 131 7.15 20.83 6.98
N VAL A 132 8.36 20.47 6.62
CA VAL A 132 8.83 20.58 5.24
C VAL A 132 9.01 19.17 4.69
N PRO A 133 8.15 18.76 3.74
CA PRO A 133 8.16 17.39 3.23
C PRO A 133 9.49 17.02 2.55
N GLY A 134 10.00 15.84 2.89
CA GLY A 134 11.26 15.36 2.32
C GLY A 134 11.03 14.09 1.51
N SER A 135 12.00 13.74 0.65
CA SER A 135 11.92 12.51 -0.16
C SER A 135 12.14 11.24 0.66
N SER A 136 12.98 11.32 1.69
CA SER A 136 13.23 10.25 2.65
C SER A 136 13.75 10.84 3.96
N THR A 137 13.75 10.06 5.04
CA THR A 137 14.31 10.54 6.30
C THR A 137 15.80 10.87 6.15
N ALA A 138 16.53 9.99 5.46
CA ALA A 138 17.96 10.15 5.23
C ALA A 138 18.28 11.44 4.46
N ALA A 139 17.59 11.68 3.35
CA ALA A 139 17.79 12.92 2.57
C ALA A 139 17.50 14.16 3.40
N SER A 140 16.43 14.10 4.20
CA SER A 140 16.09 15.20 5.09
C SER A 140 17.24 15.48 6.04
N ALA A 141 17.78 14.42 6.64
CA ALA A 141 18.92 14.53 7.53
C ALA A 141 20.15 15.10 6.82
N MSE A 142 20.50 14.53 5.66
CA MSE A 142 21.67 14.95 4.88
C MSE A 142 21.59 16.39 4.36
O MSE A 142 22.62 17.05 4.18
CB MSE A 142 21.94 13.99 3.71
CG MSE A 142 22.28 12.55 4.15
SE MSE A 142 23.84 12.41 5.35
CE MSE A 142 25.25 12.46 3.99
N GLY A 143 20.36 16.85 4.11
CA GLY A 143 20.12 18.22 3.67
C GLY A 143 20.63 19.26 4.68
N LEU A 144 20.64 18.90 5.96
CA LEU A 144 21.17 19.76 7.02
C LEU A 144 22.68 20.04 6.94
N LEU A 145 23.42 19.23 6.20
CA LEU A 145 24.88 19.40 6.09
C LEU A 145 25.25 20.41 5.00
N GLU A 146 24.21 20.93 4.33
CA GLU A 146 24.37 21.87 3.22
C GLU A 146 24.29 23.31 3.73
N ASP A 147 24.79 24.24 2.93
CA ASP A 147 24.73 25.67 3.26
C ASP A 147 23.31 26.19 3.08
N ASP A 148 22.79 26.86 4.12
CA ASP A 148 21.47 27.49 4.07
C ASP A 148 20.37 26.51 3.63
N ALA A 149 20.35 25.35 4.27
CA ALA A 149 19.26 24.38 4.12
C ALA A 149 17.96 25.09 4.47
N PRO A 150 16.87 24.80 3.73
CA PRO A 150 15.63 25.55 3.95
C PRO A 150 14.84 25.11 5.20
N TYR A 151 15.49 24.37 6.09
CA TYR A 151 14.91 23.92 7.37
C TYR A 151 16.02 23.78 8.42
N GLU A 152 15.64 23.54 9.67
CA GLU A 152 16.62 23.59 10.76
C GLU A 152 16.75 22.27 11.55
N ALA A 153 15.81 21.37 11.34
CA ALA A 153 15.84 20.05 11.96
C ALA A 153 15.31 18.97 11.00
N ALA A 154 15.68 17.72 11.29
CA ALA A 154 15.16 16.55 10.55
C ALA A 154 14.75 15.43 11.53
N ILE A 155 13.84 14.59 11.07
CA ILE A 155 13.42 13.43 11.83
C ILE A 155 13.87 12.23 11.03
N CYS A 156 14.68 11.38 11.67
CA CYS A 156 15.35 10.32 10.97
C CYS A 156 15.63 9.13 11.89
N ALA A 157 16.35 8.15 11.37
CA ALA A 157 16.80 6.97 12.13
C ALA A 157 18.00 7.25 13.03
N PRO A 158 18.12 6.51 14.14
CA PRO A 158 19.36 6.60 14.92
C PRO A 158 20.61 6.26 14.09
N LEU A 159 20.47 5.38 13.09
CA LEU A 159 21.59 5.00 12.23
C LEU A 159 22.34 6.22 11.68
N ILE A 160 21.62 7.10 10.98
CA ILE A 160 22.26 8.20 10.28
C ILE A 160 22.83 9.27 11.24
N ALA A 161 22.19 9.42 12.41
CA ALA A 161 22.73 10.29 13.44
C ALA A 161 24.08 9.76 13.93
N ALA A 162 24.16 8.46 14.21
CA ALA A 162 25.41 7.83 14.66
C ALA A 162 26.53 7.89 13.63
N GLU A 163 26.19 8.01 12.35
CA GLU A 163 27.20 7.97 11.29
C GLU A 163 27.69 9.35 10.85
N GLN A 164 26.85 10.37 11.00
CA GLN A 164 27.19 11.72 10.57
C GLN A 164 27.63 12.62 11.72
N PRO A 165 28.92 13.01 11.75
CA PRO A 165 29.45 13.87 12.83
C PRO A 165 28.73 15.22 12.90
N GLY A 166 28.38 15.77 11.74
CA GLY A 166 27.71 17.06 11.65
C GLY A 166 26.27 17.02 12.12
N LEU A 167 25.78 15.84 12.50
CA LEU A 167 24.40 15.74 12.98
C LEU A 167 24.37 15.46 14.47
N ASN A 168 23.65 16.31 15.17
CA ASN A 168 23.50 16.24 16.61
C ASN A 168 22.09 15.81 16.94
N VAL A 169 21.95 14.89 17.89
CA VAL A 169 20.63 14.42 18.34
C VAL A 169 20.04 15.41 19.36
N LEU A 170 18.98 16.08 18.96
CA LEU A 170 18.29 17.02 19.85
C LEU A 170 17.25 16.36 20.73
N ALA A 171 16.56 15.35 20.18
CA ALA A 171 15.57 14.60 20.94
C ALA A 171 15.57 13.13 20.54
N GLU A 172 15.46 12.25 21.54
CA GLU A 172 15.47 10.79 21.36
C GLU A 172 14.07 10.17 21.47
N ASP A 173 13.79 9.18 20.62
CA ASP A 173 12.59 8.34 20.75
C ASP A 173 11.29 9.18 20.77
N ILE A 174 11.00 9.84 19.66
CA ILE A 174 9.90 10.81 19.65
C ILE A 174 8.63 10.35 18.94
N GLY A 175 8.56 9.06 18.60
CA GLY A 175 7.40 8.49 17.91
C GLY A 175 6.18 8.27 18.79
N ASP A 176 5.01 8.29 18.14
CA ASP A 176 3.68 8.15 18.76
C ASP A 176 3.35 6.71 19.19
N ASN A 177 3.95 5.74 18.50
CA ASN A 177 3.56 4.33 18.66
C ASN A 177 4.70 3.46 19.17
N PRO A 178 4.55 2.93 20.42
CA PRO A 178 5.56 2.10 21.06
C PRO A 178 5.84 0.81 20.29
N ASP A 179 4.80 0.27 19.66
CA ASP A 179 4.88 -1.02 18.97
C ASP A 179 5.18 -0.90 17.48
N ALA A 180 5.53 0.31 17.02
CA ALA A 180 5.78 0.53 15.60
C ALA A 180 6.94 -0.33 15.10
N VAL A 181 6.69 -1.08 14.02
CA VAL A 181 7.73 -1.89 13.39
C VAL A 181 7.52 -1.88 11.89
N THR A 182 8.61 -1.99 11.14
CA THR A 182 8.53 -2.17 9.70
C THR A 182 8.85 -3.62 9.36
N ARG A 183 8.07 -4.20 8.48
CA ARG A 183 8.35 -5.53 7.99
C ARG A 183 9.11 -5.39 6.68
N PHE A 184 10.24 -6.08 6.61
CA PHE A 184 11.05 -6.13 5.41
C PHE A 184 11.14 -7.57 4.91
N ILE A 185 11.48 -7.73 3.63
CA ILE A 185 11.77 -9.04 3.06
C ILE A 185 13.09 -9.00 2.31
N LEU A 186 13.82 -10.10 2.38
CA LEU A 186 15.08 -10.24 1.65
C LEU A 186 14.83 -11.21 0.51
N VAL A 187 15.04 -10.75 -0.71
CA VAL A 187 14.58 -11.48 -1.87
C VAL A 187 15.74 -11.90 -2.77
N SER A 188 15.79 -13.17 -3.16
CA SER A 188 16.86 -13.66 -4.05
CA SER A 188 16.85 -13.63 -4.06
C SER A 188 16.27 -14.32 -5.28
N ARG A 189 17.13 -14.74 -6.21
CA ARG A 189 16.73 -15.60 -7.31
C ARG A 189 16.37 -16.98 -6.71
N PRO A 190 15.54 -17.80 -7.41
CA PRO A 190 15.16 -19.12 -6.88
C PRO A 190 16.37 -20.03 -6.77
N GLY A 191 16.43 -20.80 -5.69
CA GLY A 191 17.44 -21.84 -5.51
C GLY A 191 16.79 -22.91 -4.66
N ALA A 192 17.51 -23.44 -3.68
CA ALA A 192 16.90 -24.44 -2.80
C ALA A 192 15.94 -23.82 -1.81
N LEU A 193 14.91 -24.55 -1.41
CA LEU A 193 14.12 -24.20 -0.24
C LEU A 193 14.97 -24.27 1.02
N PRO A 194 14.86 -23.29 1.90
CA PRO A 194 15.63 -23.48 3.11
C PRO A 194 14.97 -24.57 3.98
N GLU A 195 15.71 -25.09 4.95
CA GLU A 195 15.20 -26.12 5.82
C GLU A 195 13.98 -25.62 6.62
N ARG A 196 12.93 -26.43 6.69
CA ARG A 196 11.74 -26.04 7.49
C ARG A 196 12.08 -26.01 8.98
N THR A 197 11.32 -25.23 9.75
CA THR A 197 11.59 -25.01 11.19
C THR A 197 10.34 -25.28 12.04
N GLY A 198 9.21 -25.45 11.39
CA GLY A 198 7.91 -25.56 12.09
C GLY A 198 7.32 -24.21 12.46
N ALA A 199 8.10 -23.16 12.21
CA ALA A 199 7.66 -21.79 12.43
C ALA A 199 7.98 -20.98 11.17
N ASP A 200 7.36 -21.38 10.06
CA ASP A 200 7.71 -20.82 8.75
C ASP A 200 6.54 -20.07 8.17
N LYS A 201 6.84 -19.28 7.15
CA LYS A 201 5.87 -18.55 6.37
C LYS A 201 6.04 -18.96 4.90
N THR A 202 4.93 -19.04 4.17
CA THR A 202 5.00 -19.27 2.74
C THR A 202 4.22 -18.16 2.04
N THR A 203 4.84 -17.57 1.02
CA THR A 203 4.24 -16.47 0.26
C THR A 203 3.97 -16.90 -1.19
N VAL A 204 2.81 -16.51 -1.69
CA VAL A 204 2.42 -16.76 -3.08
C VAL A 204 1.72 -15.53 -3.69
N VAL A 205 1.76 -15.46 -5.03
CA VAL A 205 0.98 -14.46 -5.72
C VAL A 205 0.08 -15.20 -6.66
N VAL A 206 -1.24 -15.01 -6.50
CA VAL A 206 -2.24 -15.76 -7.28
C VAL A 206 -3.03 -14.83 -8.18
N PRO A 207 -2.83 -14.98 -9.51
CA PRO A 207 -3.60 -14.26 -10.50
C PRO A 207 -5.04 -14.76 -10.50
N LEU A 208 -5.99 -13.83 -10.55
CA LEU A 208 -7.39 -14.19 -10.70
C LEU A 208 -7.69 -14.52 -12.17
N PRO A 209 -8.19 -15.75 -12.44
CA PRO A 209 -8.50 -16.12 -13.82
C PRO A 209 -9.80 -15.50 -14.32
N GLU A 210 -10.79 -15.37 -13.43
CA GLU A 210 -12.14 -14.97 -13.78
C GLU A 210 -12.75 -14.25 -12.60
N ASP A 211 -13.34 -13.09 -12.85
CA ASP A 211 -13.90 -12.26 -11.79
C ASP A 211 -15.39 -12.54 -11.56
N HIS A 212 -15.71 -13.18 -10.44
CA HIS A 212 -17.12 -13.41 -10.06
C HIS A 212 -17.21 -13.51 -8.53
N PRO A 213 -18.42 -13.32 -7.95
CA PRO A 213 -18.51 -13.46 -6.50
C PRO A 213 -18.04 -14.85 -6.05
N GLY A 214 -17.32 -14.88 -4.93
CA GLY A 214 -16.76 -16.12 -4.41
C GLY A 214 -15.50 -16.62 -5.08
N ALA A 215 -14.93 -15.85 -6.02
CA ALA A 215 -13.74 -16.32 -6.76
C ALA A 215 -12.51 -16.40 -5.85
N LEU A 216 -12.37 -15.37 -5.03
CA LEU A 216 -11.32 -15.33 -4.04
C LEU A 216 -11.55 -16.43 -3.01
N MSE A 217 -12.80 -16.59 -2.57
CA MSE A 217 -13.13 -17.67 -1.64
C MSE A 217 -12.63 -19.02 -2.14
O MSE A 217 -12.08 -19.78 -1.35
CB MSE A 217 -14.63 -17.73 -1.41
CG MSE A 217 -15.11 -16.69 -0.41
SE MSE A 217 -16.56 -17.45 0.57
CE MSE A 217 -15.81 -19.22 0.88
N GLU A 218 -12.84 -19.29 -3.43
CA GLU A 218 -12.32 -20.51 -4.02
C GLU A 218 -10.80 -20.61 -3.85
N ILE A 219 -10.08 -19.50 -4.01
CA ILE A 219 -8.63 -19.49 -3.84
C ILE A 219 -8.25 -19.66 -2.36
N LEU A 220 -8.94 -18.94 -1.49
CA LEU A 220 -8.66 -19.02 -0.05
C LEU A 220 -8.98 -20.39 0.56
N ASP A 221 -10.01 -21.05 0.02
CA ASP A 221 -10.39 -22.38 0.47
C ASP A 221 -9.28 -23.40 0.32
N GLN A 222 -8.39 -23.21 -0.66
CA GLN A 222 -7.25 -24.11 -0.82
C GLN A 222 -6.43 -24.18 0.48
N PHE A 223 -6.24 -23.02 1.13
CA PHE A 223 -5.59 -22.94 2.44
C PHE A 223 -6.52 -23.37 3.60
N ALA A 224 -7.72 -22.80 3.65
CA ALA A 224 -8.62 -23.04 4.78
C ALA A 224 -9.04 -24.50 4.92
N SER A 225 -9.38 -25.15 3.81
CA SER A 225 -9.81 -26.56 3.83
C SER A 225 -8.70 -27.55 4.23
N ARG A 226 -7.44 -27.09 4.24
CA ARG A 226 -6.30 -27.90 4.62
C ARG A 226 -5.63 -27.42 5.92
N GLY A 227 -6.36 -26.60 6.67
CA GLY A 227 -5.91 -26.13 7.97
C GLY A 227 -4.75 -25.13 7.93
N VAL A 228 -4.59 -24.42 6.80
CA VAL A 228 -3.51 -23.47 6.66
C VAL A 228 -3.98 -22.06 6.97
N ASN A 229 -3.45 -21.52 8.07
CA ASN A 229 -3.71 -20.17 8.53
C ASN A 229 -3.01 -19.13 7.68
N LEU A 230 -3.73 -18.03 7.42
CA LEU A 230 -3.13 -16.91 6.69
C LEU A 230 -2.76 -15.73 7.59
N SER A 231 -1.70 -15.02 7.23
CA SER A 231 -1.30 -13.83 8.00
C SER A 231 -1.34 -12.56 7.16
N ARG A 232 -1.51 -12.70 5.84
CA ARG A 232 -1.60 -11.54 4.96
C ARG A 232 -2.34 -11.87 3.69
N ILE A 233 -3.29 -11.01 3.33
CA ILE A 233 -3.83 -11.00 1.96
C ILE A 233 -4.03 -9.57 1.45
N GLU A 234 -3.67 -9.34 0.19
CA GLU A 234 -3.88 -8.07 -0.48
C GLU A 234 -4.21 -8.31 -1.97
N SER A 235 -5.33 -7.77 -2.41
CA SER A 235 -5.63 -7.71 -3.83
C SER A 235 -4.96 -6.49 -4.47
N ARG A 236 -4.57 -6.65 -5.74
CA ARG A 236 -3.94 -5.59 -6.51
C ARG A 236 -4.48 -5.68 -7.94
N PRO A 237 -4.91 -4.54 -8.53
CA PRO A 237 -5.31 -4.53 -9.93
C PRO A 237 -4.13 -4.83 -10.84
N THR A 238 -4.42 -5.42 -11.99
CA THR A 238 -3.42 -5.66 -13.02
C THR A 238 -4.11 -5.95 -14.36
N GLY A 239 -3.48 -5.55 -15.46
CA GLY A 239 -4.03 -5.82 -16.80
C GLY A 239 -3.57 -7.14 -17.41
N GLN A 240 -2.71 -7.88 -16.69
CA GLN A 240 -2.08 -9.09 -17.21
C GLN A 240 -2.99 -10.32 -17.10
N TYR A 241 -3.77 -10.36 -16.02
CA TYR A 241 -4.74 -11.43 -15.81
C TYR A 241 -6.15 -11.05 -16.31
N LEU A 242 -6.88 -12.02 -16.84
CA LEU A 242 -8.24 -11.80 -17.38
C LEU A 242 -9.34 -11.78 -16.31
N GLY A 243 -8.91 -11.92 -15.06
CA GLY A 243 -9.74 -11.61 -13.90
C GLY A 243 -9.39 -10.22 -13.38
N HIS A 244 -8.27 -9.67 -13.87
CA HIS A 244 -7.86 -8.24 -13.65
C HIS A 244 -7.20 -7.98 -12.29
N TYR A 245 -6.99 -9.03 -11.50
CA TYR A 245 -6.36 -8.87 -10.20
C TYR A 245 -5.33 -9.95 -9.94
N PHE A 246 -4.42 -9.67 -9.01
CA PHE A 246 -3.75 -10.74 -8.32
C PHE A 246 -3.89 -10.60 -6.81
N PHE A 247 -3.75 -11.72 -6.11
CA PHE A 247 -3.76 -11.73 -4.66
C PHE A 247 -2.38 -12.08 -4.13
N SER A 248 -1.86 -11.21 -3.27
CA SER A 248 -0.59 -11.40 -2.57
C SER A 248 -0.91 -11.98 -1.19
N ILE A 249 -0.34 -13.13 -0.89
CA ILE A 249 -0.80 -13.91 0.26
C ILE A 249 0.39 -14.48 1.04
N ASP A 250 0.35 -14.34 2.37
CA ASP A 250 1.29 -15.06 3.26
C ASP A 250 0.51 -16.12 4.03
N ALA A 251 0.98 -17.36 3.97
CA ALA A 251 0.41 -18.47 4.75
C ALA A 251 1.38 -18.95 5.81
N ASP A 252 0.85 -19.47 6.91
CA ASP A 252 1.66 -20.17 7.94
C ASP A 252 2.05 -21.53 7.40
N GLY A 253 3.34 -21.83 7.39
CA GLY A 253 3.77 -23.11 6.92
C GLY A 253 4.92 -23.09 5.96
N HIS A 254 5.41 -24.29 5.68
CA HIS A 254 6.53 -24.45 4.77
C HIS A 254 6.06 -25.30 3.60
N ALA A 255 6.54 -24.99 2.38
CA ALA A 255 6.12 -25.68 1.16
C ALA A 255 6.17 -27.23 1.27
N THR A 256 7.12 -27.76 2.02
CA THR A 256 7.25 -29.22 2.21
C THR A 256 6.21 -29.86 3.15
N ASP A 257 5.67 -29.09 4.10
CA ASP A 257 4.54 -29.56 4.91
C ASP A 257 3.46 -30.07 3.96
N SER A 258 2.93 -31.25 4.24
CA SER A 258 2.01 -31.91 3.30
C SER A 258 0.78 -31.04 3.01
N ARG A 259 0.25 -30.37 4.04
CA ARG A 259 -0.95 -29.55 3.85
C ARG A 259 -0.66 -28.34 2.97
N VAL A 260 0.58 -27.88 2.97
CA VAL A 260 0.96 -26.69 2.21
C VAL A 260 1.21 -27.07 0.76
N ALA A 261 1.99 -28.13 0.54
CA ALA A 261 2.20 -28.65 -0.80
C ALA A 261 0.86 -28.94 -1.44
N ASP A 262 -0.03 -29.56 -0.68
CA ASP A 262 -1.35 -29.88 -1.21
C ASP A 262 -2.12 -28.62 -1.60
N ALA A 263 -2.12 -27.61 -0.72
CA ALA A 263 -2.73 -26.30 -1.01
C ALA A 263 -2.13 -25.64 -2.24
N LEU A 264 -0.80 -25.66 -2.35
CA LEU A 264 -0.12 -25.11 -3.51
C LEU A 264 -0.61 -25.79 -4.81
N ALA A 265 -0.79 -27.10 -4.77
CA ALA A 265 -1.31 -27.80 -5.96
C ALA A 265 -2.72 -27.34 -6.30
N GLY A 266 -3.54 -27.14 -5.28
CA GLY A 266 -4.93 -26.65 -5.47
C GLY A 266 -4.96 -25.29 -6.12
N LEU A 267 -4.02 -24.44 -5.71
CA LEU A 267 -3.88 -23.08 -6.23
C LEU A 267 -3.49 -23.11 -7.70
N HIS A 268 -2.52 -23.95 -8.04
CA HIS A 268 -2.05 -24.06 -9.42
C HIS A 268 -3.20 -24.55 -10.34
N ARG A 269 -3.99 -25.51 -9.86
CA ARG A 269 -5.12 -26.01 -10.66
CA ARG A 269 -5.16 -26.01 -10.62
C ARG A 269 -6.09 -24.87 -11.02
N ILE A 270 -6.43 -24.01 -10.06
CA ILE A 270 -7.35 -22.87 -10.30
C ILE A 270 -6.69 -21.80 -11.16
N SER A 271 -5.40 -21.59 -10.91
CA SER A 271 -4.65 -20.51 -11.51
C SER A 271 -3.21 -20.98 -11.81
N PRO A 272 -2.99 -21.58 -13.00
CA PRO A 272 -1.68 -22.13 -13.36
C PRO A 272 -0.52 -21.11 -13.42
N ALA A 273 -0.83 -19.82 -13.53
CA ALA A 273 0.22 -18.81 -13.47
C ALA A 273 0.57 -18.35 -12.05
N THR A 274 0.13 -19.08 -11.02
CA THR A 274 0.51 -18.79 -9.62
C THR A 274 2.03 -18.72 -9.47
N ARG A 275 2.51 -17.70 -8.74
CA ARG A 275 3.93 -17.54 -8.50
C ARG A 275 4.22 -17.98 -7.07
N PHE A 276 5.25 -18.81 -6.94
CA PHE A 276 5.72 -19.20 -5.62
C PHE A 276 6.82 -18.23 -5.17
N LEU A 277 6.61 -17.59 -4.01
CA LEU A 277 7.54 -16.57 -3.47
C LEU A 277 8.34 -17.03 -2.23
N GLY A 278 8.40 -18.33 -2.01
CA GLY A 278 9.30 -18.85 -1.01
C GLY A 278 8.63 -19.24 0.29
N SER A 279 9.32 -20.13 0.99
CA SER A 279 9.02 -20.48 2.37
C SER A 279 10.25 -20.03 3.13
N TYR A 280 10.03 -19.49 4.32
CA TYR A 280 11.11 -18.87 5.09
C TYR A 280 10.67 -18.73 6.54
N ALA A 281 11.67 -18.65 7.43
CA ALA A 281 11.42 -18.56 8.87
C ALA A 281 10.67 -17.30 9.22
N ARG A 282 9.68 -17.42 10.11
CA ARG A 282 9.00 -16.26 10.70
C ARG A 282 9.95 -15.49 11.60
N ALA A 283 10.03 -14.16 11.38
CA ALA A 283 10.79 -13.27 12.25
C ALA A 283 10.43 -13.46 13.72
N ASP A 284 9.15 -13.69 14.00
CA ASP A 284 8.67 -13.77 15.40
C ASP A 284 8.78 -15.17 16.01
N LYS A 285 9.24 -16.14 15.21
CA LYS A 285 9.50 -17.51 15.67
C LYS A 285 8.28 -18.28 16.20
N GLN A 286 7.07 -17.83 15.86
CA GLN A 286 5.87 -18.49 16.35
C GLN A 286 5.49 -19.70 15.48
N PRO A 287 5.48 -20.91 16.06
CA PRO A 287 5.16 -22.13 15.31
C PRO A 287 3.75 -22.12 14.71
N ALA A 288 3.60 -22.75 13.56
CA ALA A 288 2.27 -23.06 13.01
C ALA A 288 1.50 -23.92 14.00
N VAL A 289 0.22 -23.62 14.19
CA VAL A 289 -0.65 -24.58 14.88
C VAL A 289 -1.21 -25.57 13.84
N VAL A 290 -0.93 -26.87 14.01
CA VAL A 290 -1.40 -27.87 13.04
C VAL A 290 -2.77 -28.38 13.45
N ALA A 291 -3.77 -28.09 12.61
CA ALA A 291 -5.15 -28.38 12.95
C ALA A 291 -5.34 -29.89 12.93
N PRO A 292 -6.43 -30.38 13.56
CA PRO A 292 -6.79 -31.79 13.45
C PRO A 292 -6.90 -32.20 11.99
N HIS A 293 -6.49 -33.44 11.70
CA HIS A 293 -6.73 -34.02 10.38
C HIS A 293 -5.78 -33.45 9.34
N THR A 294 -4.87 -32.56 9.71
CA THR A 294 -4.05 -31.90 8.66
C THR A 294 -2.56 -32.12 8.79
N SER A 295 -2.18 -32.96 9.75
CA SER A 295 -0.76 -33.26 9.94
C SER A 295 -0.20 -34.07 8.78
N ASP A 296 1.12 -34.07 8.64
CA ASP A 296 1.76 -34.83 7.61
C ASP A 296 1.31 -36.29 7.73
N ALA A 297 1.13 -36.75 8.96
CA ALA A 297 0.72 -38.12 9.25
C ALA A 297 -0.67 -38.43 8.72
N ALA A 298 -1.61 -37.51 8.95
CA ALA A 298 -2.98 -37.69 8.45
C ALA A 298 -2.98 -37.78 6.91
N PHE A 299 -2.23 -36.88 6.27
CA PHE A 299 -2.13 -36.88 4.82
C PHE A 299 -1.58 -38.21 4.32
N ALA A 300 -0.62 -38.76 5.04
CA ALA A 300 0.05 -39.99 4.63
C ALA A 300 -0.89 -41.21 4.83
N SER A 301 -1.66 -41.22 5.92
CA SER A 301 -2.64 -42.25 6.14
C SER A 301 -3.67 -42.26 4.99
N ALA A 302 -4.15 -41.08 4.63
CA ALA A 302 -5.17 -40.94 3.59
C ALA A 302 -4.66 -41.39 2.23
N HIS A 303 -3.42 -41.01 1.89
CA HIS A 303 -2.80 -41.46 0.62
C HIS A 303 -2.69 -42.97 0.58
N ALA A 304 -2.28 -43.56 1.71
CA ALA A 304 -2.12 -45.02 1.80
C ALA A 304 -3.49 -45.71 1.68
N TRP A 305 -4.53 -45.12 2.26
CA TRP A 305 -5.85 -45.69 2.12
C TRP A 305 -6.28 -45.67 0.65
N VAL A 306 -6.15 -44.54 -0.04
CA VAL A 306 -6.51 -44.49 -1.44
C VAL A 306 -5.66 -45.47 -2.25
N ASP A 307 -4.39 -45.58 -1.91
CA ASP A 307 -3.55 -46.52 -2.61
C ASP A 307 -4.06 -47.97 -2.51
N SER A 308 -4.55 -48.35 -1.33
CA SER A 308 -5.06 -49.70 -1.10
C SER A 308 -6.25 -49.99 -2.00
N ILE A 309 -7.09 -48.98 -2.22
CA ILE A 309 -8.25 -49.09 -3.12
C ILE A 309 -7.81 -49.23 -4.57
N LEU A 310 -6.91 -48.35 -5.00
CA LEU A 310 -6.45 -48.38 -6.38
C LEU A 310 -5.79 -49.71 -6.71
N LYS A 311 -4.93 -50.16 -5.80
CA LYS A 311 -4.08 -51.32 -6.09
C LYS A 311 -4.70 -52.66 -5.70
N GLY A 312 -5.68 -52.65 -4.80
CA GLY A 312 -6.28 -53.88 -4.26
C GLY A 312 -7.23 -54.61 -5.21
N VAL B 7 -18.93 25.46 0.10
CA VAL B 7 -18.29 24.12 -0.15
C VAL B 7 -16.76 24.17 -0.23
N THR B 8 -16.13 23.51 0.75
CA THR B 8 -14.69 23.54 0.96
C THR B 8 -14.14 22.12 0.99
N TYR B 9 -13.10 21.88 0.20
CA TYR B 9 -12.46 20.58 0.13
C TYR B 9 -11.01 20.72 0.56
N THR B 10 -10.50 19.72 1.25
CA THR B 10 -9.07 19.57 1.47
C THR B 10 -8.56 18.54 0.49
N PHE B 11 -7.24 18.48 0.32
CA PHE B 11 -6.65 17.40 -0.45
C PHE B 11 -5.20 17.21 -0.02
N LEU B 12 -4.62 16.08 -0.43
CA LEU B 12 -3.19 15.84 -0.26
C LEU B 12 -2.43 16.83 -1.12
N GLY B 13 -1.84 17.83 -0.46
CA GLY B 13 -1.06 18.87 -1.12
C GLY B 13 0.32 18.39 -1.55
N PRO B 14 1.13 19.31 -2.09
CA PRO B 14 0.81 20.73 -2.25
C PRO B 14 -0.07 21.00 -3.49
N GLN B 15 -0.24 22.28 -3.82
CA GLN B 15 -1.03 22.72 -4.97
C GLN B 15 -0.38 22.18 -6.26
N GLY B 16 -1.20 21.75 -7.23
CA GLY B 16 -0.71 21.31 -8.55
C GLY B 16 -0.24 19.86 -8.68
N THR B 17 -0.45 19.09 -7.62
CA THR B 17 -0.18 17.66 -7.61
C THR B 17 -1.27 16.94 -8.39
N PHE B 18 -1.00 15.68 -8.72
CA PHE B 18 -2.02 14.85 -9.36
C PHE B 18 -3.32 14.76 -8.56
N THR B 19 -3.19 14.85 -7.25
CA THR B 19 -4.34 14.78 -6.35
C THR B 19 -5.26 15.98 -6.51
N GLU B 20 -4.69 17.18 -6.68
CA GLU B 20 -5.52 18.37 -6.89
C GLU B 20 -6.17 18.31 -8.26
N ALA B 21 -5.40 17.84 -9.24
CA ALA B 21 -5.92 17.66 -10.59
C ALA B 21 -7.15 16.77 -10.58
N ALA B 22 -7.09 15.70 -9.79
CA ALA B 22 -8.25 14.83 -9.59
C ALA B 22 -9.41 15.57 -8.95
N LEU B 23 -9.12 16.34 -7.92
CA LEU B 23 -10.16 17.09 -7.20
C LEU B 23 -10.92 18.09 -8.09
N MSE B 24 -10.22 18.68 -9.06
CA MSE B 24 -10.80 19.69 -9.91
C MSE B 24 -11.76 19.15 -10.96
O MSE B 24 -12.50 19.91 -11.57
CB MSE B 24 -9.72 20.54 -10.56
CG MSE B 24 -9.26 21.69 -9.68
SE MSE B 24 -7.46 22.22 -10.12
CE MSE B 24 -7.85 23.58 -11.49
N GLN B 25 -11.73 17.83 -11.16
CA GLN B 25 -12.69 17.21 -12.06
C GLN B 25 -13.99 16.86 -11.32
N VAL B 26 -13.96 16.91 -9.99
CA VAL B 26 -15.19 16.78 -9.19
C VAL B 26 -16.12 17.96 -9.50
N PRO B 27 -17.41 17.68 -9.75
CA PRO B 27 -18.44 18.70 -10.04
C PRO B 27 -18.48 19.86 -9.04
N GLY B 28 -18.22 21.06 -9.53
CA GLY B 28 -18.21 22.28 -8.70
C GLY B 28 -16.91 22.57 -7.97
N ALA B 29 -15.95 21.65 -8.04
CA ALA B 29 -14.69 21.77 -7.26
C ALA B 29 -13.67 22.71 -7.88
N ALA B 30 -13.72 22.84 -9.21
CA ALA B 30 -12.90 23.79 -9.95
C ALA B 30 -13.17 25.22 -9.48
N ASP B 31 -14.39 25.44 -8.97
CA ASP B 31 -14.79 26.74 -8.45
C ASP B 31 -15.19 26.67 -6.97
N ALA B 32 -14.62 25.70 -6.27
CA ALA B 32 -14.76 25.61 -4.82
C ALA B 32 -13.44 26.02 -4.18
N THR B 33 -13.48 26.24 -2.88
CA THR B 33 -12.26 26.42 -2.10
C THR B 33 -11.54 25.07 -1.88
N ARG B 34 -10.29 24.99 -2.33
CA ARG B 34 -9.49 23.77 -2.22
C ARG B 34 -8.26 24.03 -1.35
N ILE B 35 -8.20 23.39 -0.19
CA ILE B 35 -7.13 23.62 0.78
C ILE B 35 -6.09 22.51 0.67
N PRO B 36 -4.84 22.86 0.31
CA PRO B 36 -3.81 21.80 0.30
C PRO B 36 -3.37 21.44 1.72
N CYS B 37 -3.32 20.16 2.04
CA CYS B 37 -2.83 19.70 3.35
C CYS B 37 -1.57 18.86 3.18
N THR B 38 -0.66 18.95 4.14
CA THR B 38 0.67 18.33 3.96
C THR B 38 0.61 16.80 3.97
N ASN B 39 -0.43 16.25 4.59
CA ASN B 39 -0.66 14.81 4.62
C ASN B 39 -2.13 14.43 4.76
N VAL B 40 -2.40 13.14 4.58
CA VAL B 40 -3.76 12.60 4.64
C VAL B 40 -4.45 12.88 5.99
N ASN B 41 -3.74 12.70 7.08
CA ASN B 41 -4.33 12.88 8.42
C ASN B 41 -4.88 14.28 8.64
N THR B 42 -4.08 15.27 8.25
CA THR B 42 -4.46 16.67 8.39
C THR B 42 -5.65 17.03 7.48
N ALA B 43 -5.64 16.52 6.25
CA ALA B 43 -6.77 16.72 5.34
C ALA B 43 -8.03 16.16 6.00
N LEU B 44 -7.90 14.94 6.50
CA LEU B 44 -8.94 14.28 7.28
C LEU B 44 -9.33 14.95 8.61
N GLU B 45 -8.36 15.51 9.35
CA GLU B 45 -8.68 16.24 10.59
C GLU B 45 -9.61 17.44 10.33
N ARG B 46 -9.28 18.21 9.28
CA ARG B 46 -10.08 19.37 8.87
C ARG B 46 -11.55 19.02 8.67
N VAL B 47 -11.79 17.91 7.98
CA VAL B 47 -13.12 17.38 7.72
C VAL B 47 -13.77 16.99 9.04
N ARG B 48 -13.03 16.23 9.84
CA ARG B 48 -13.54 15.76 11.13
C ARG B 48 -13.89 16.92 12.07
N ALA B 49 -13.16 18.02 11.95
CA ALA B 49 -13.35 19.19 12.82
C ALA B 49 -14.36 20.19 12.25
N GLY B 50 -14.92 19.89 11.07
CA GLY B 50 -15.95 20.73 10.45
C GLY B 50 -15.46 21.95 9.68
N GLU B 51 -14.15 22.03 9.44
CA GLU B 51 -13.55 23.16 8.71
C GLU B 51 -13.57 22.92 7.20
N ALA B 52 -13.79 21.68 6.80
CA ALA B 52 -13.87 21.30 5.40
C ALA B 52 -14.99 20.29 5.27
N ASP B 53 -15.67 20.34 4.13
CA ASP B 53 -16.78 19.42 3.88
C ASP B 53 -16.30 18.01 3.55
N ALA B 54 -15.23 17.92 2.77
CA ALA B 54 -14.71 16.64 2.34
C ALA B 54 -13.22 16.74 2.04
N ALA B 55 -12.54 15.59 2.02
CA ALA B 55 -11.11 15.50 1.69
C ALA B 55 -10.89 14.58 0.51
N MSE B 56 -10.08 15.03 -0.45
CA MSE B 56 -9.74 14.19 -1.59
C MSE B 56 -8.38 13.55 -1.42
O MSE B 56 -7.35 14.25 -1.41
CB MSE B 56 -9.77 14.98 -2.90
CG MSE B 56 -9.51 14.15 -4.12
SE MSE B 56 -11.09 13.09 -4.65
CE MSE B 56 -10.92 13.40 -6.56
N VAL B 57 -8.38 12.23 -1.29
CA VAL B 57 -7.16 11.48 -0.98
C VAL B 57 -7.01 10.28 -1.91
N PRO B 58 -5.77 9.89 -2.24
CA PRO B 58 -5.56 8.78 -3.16
C PRO B 58 -5.78 7.46 -2.44
N ILE B 59 -6.30 6.46 -3.17
CA ILE B 59 -6.48 5.12 -2.60
C ILE B 59 -5.82 4.00 -3.40
N GLU B 60 -5.50 4.23 -4.68
CA GLU B 60 -4.84 3.23 -5.55
C GLU B 60 -3.91 3.88 -6.59
N ASN B 61 -2.65 3.45 -6.65
CA ASN B 61 -1.68 3.90 -7.66
C ASN B 61 -1.46 5.43 -7.73
N SER B 62 -1.17 6.03 -6.58
CA SER B 62 -0.83 7.44 -6.52
C SER B 62 0.63 7.65 -6.92
N VAL B 63 0.87 8.60 -7.82
CA VAL B 63 2.24 8.91 -8.21
C VAL B 63 2.88 9.91 -7.23
N GLU B 64 2.07 10.37 -6.27
CA GLU B 64 2.51 11.28 -5.19
C GLU B 64 2.71 10.55 -3.86
N GLY B 65 2.40 9.25 -3.82
CA GLY B 65 2.38 8.53 -2.54
C GLY B 65 1.05 8.86 -1.85
N GLY B 66 0.92 8.48 -0.58
CA GLY B 66 -0.28 8.82 0.19
C GLY B 66 -1.32 7.72 0.38
N VAL B 67 -1.21 6.66 -0.42
CA VAL B 67 -2.18 5.54 -0.40
C VAL B 67 -2.26 4.78 0.93
N THR B 68 -1.12 4.33 1.43
CA THR B 68 -1.08 3.56 2.65
C THR B 68 -1.58 4.39 3.85
N ALA B 69 -1.26 5.68 3.86
CA ALA B 69 -1.76 6.62 4.86
C ALA B 69 -3.29 6.79 4.77
N THR B 70 -3.82 6.84 3.55
CA THR B 70 -5.28 6.82 3.34
C THR B 70 -5.89 5.53 3.91
N LEU B 71 -5.29 4.39 3.55
CA LEU B 71 -5.79 3.08 4.00
C LEU B 71 -5.73 2.95 5.52
N ASP B 72 -4.68 3.51 6.11
CA ASP B 72 -4.56 3.54 7.56
C ASP B 72 -5.71 4.37 8.14
N ALA B 73 -5.93 5.55 7.57
CA ALA B 73 -6.83 6.54 8.17
C ALA B 73 -8.30 6.15 8.18
N ILE B 74 -8.80 5.55 7.09
CA ILE B 74 -10.21 5.23 6.99
C ILE B 74 -10.55 3.97 7.78
N ALA B 75 -9.53 3.20 8.10
CA ALA B 75 -9.70 1.89 8.71
C ALA B 75 -9.42 1.86 10.21
N THR B 76 -8.77 2.90 10.72
CA THR B 76 -8.44 3.00 12.15
C THR B 76 -9.13 4.22 12.72
N GLY B 77 -9.76 4.98 11.83
CA GLY B 77 -10.39 6.23 12.23
C GLY B 77 -11.72 6.02 12.91
N GLN B 78 -12.51 7.09 12.90
CA GLN B 78 -13.84 7.07 13.49
C GLN B 78 -14.75 7.95 12.63
N GLU B 79 -16.01 7.56 12.53
CA GLU B 79 -17.06 8.34 11.84
C GLU B 79 -16.62 9.09 10.57
N LEU B 80 -16.24 8.32 9.55
CA LEU B 80 -15.97 8.88 8.21
C LEU B 80 -16.64 8.03 7.14
N ARG B 81 -17.07 8.69 6.06
CA ARG B 81 -17.76 8.03 4.96
CA ARG B 81 -17.76 8.03 4.96
C ARG B 81 -17.16 8.41 3.62
N ILE B 82 -17.03 7.45 2.73
CA ILE B 82 -16.60 7.74 1.37
C ILE B 82 -17.86 8.07 0.60
N ILE B 83 -17.88 9.24 -0.03
CA ILE B 83 -19.06 9.73 -0.72
C ILE B 83 -18.86 9.78 -2.23
N ARG B 84 -17.61 9.62 -2.68
CA ARG B 84 -17.32 9.63 -4.10
C ARG B 84 -15.96 9.02 -4.36
N GLU B 85 -15.81 8.39 -5.52
CA GLU B 85 -14.50 7.95 -6.00
C GLU B 85 -14.27 8.49 -7.41
N ALA B 86 -13.00 8.51 -7.82
CA ALA B 86 -12.61 9.02 -9.11
C ALA B 86 -11.40 8.25 -9.62
N LEU B 87 -11.42 7.93 -10.91
CA LEU B 87 -10.30 7.24 -11.56
C LEU B 87 -9.69 8.20 -12.58
N VAL B 88 -8.51 8.73 -12.27
CA VAL B 88 -7.96 9.80 -13.07
C VAL B 88 -6.75 9.33 -13.87
N PRO B 89 -6.85 9.38 -15.21
CA PRO B 89 -5.71 9.01 -16.05
C PRO B 89 -4.50 9.86 -15.73
N ILE B 90 -3.37 9.18 -15.59
CA ILE B 90 -2.10 9.81 -15.32
C ILE B 90 -1.41 10.11 -16.65
N THR B 91 -1.12 11.39 -16.88
CA THR B 91 -0.29 11.83 -18.00
C THR B 91 0.88 12.62 -17.43
N PHE B 92 2.11 12.18 -17.71
CA PHE B 92 3.28 12.86 -17.19
C PHE B 92 3.80 13.83 -18.22
N VAL B 93 4.21 15.02 -17.75
CA VAL B 93 4.94 15.97 -18.61
C VAL B 93 6.30 16.24 -18.01
N LEU B 94 7.26 16.54 -18.88
CA LEU B 94 8.58 16.97 -18.46
C LEU B 94 8.65 18.49 -18.63
N VAL B 95 8.94 19.22 -17.56
CA VAL B 95 9.00 20.69 -17.60
C VAL B 95 10.37 21.24 -17.23
N ALA B 96 10.71 22.39 -17.80
CA ALA B 96 11.92 23.13 -17.43
C ALA B 96 11.64 24.63 -17.57
N ARG B 97 12.59 25.44 -17.08
CA ARG B 97 12.57 26.89 -17.25
C ARG B 97 12.77 27.23 -18.73
N PRO B 98 12.26 28.38 -19.18
CA PRO B 98 12.46 28.76 -20.59
C PRO B 98 13.94 28.82 -20.96
N GLY B 99 14.27 28.42 -22.19
CA GLY B 99 15.63 28.47 -22.68
C GLY B 99 16.46 27.25 -22.35
N VAL B 100 15.93 26.36 -21.50
CA VAL B 100 16.57 25.08 -21.19
C VAL B 100 16.09 24.06 -22.21
N GLU B 101 17.05 23.52 -22.96
CA GLU B 101 16.78 22.56 -24.02
C GLU B 101 16.90 21.15 -23.44
N LEU B 102 16.39 20.15 -24.17
CA LEU B 102 16.53 18.75 -23.78
C LEU B 102 17.98 18.36 -23.49
N SER B 103 18.90 18.82 -24.34
CA SER B 103 20.33 18.54 -24.17
C SER B 103 20.97 19.24 -22.98
N ASP B 104 20.25 20.16 -22.35
CA ASP B 104 20.78 20.86 -21.19
C ASP B 104 20.43 20.13 -19.90
N ILE B 105 19.54 19.14 -20.00
CA ILE B 105 19.06 18.44 -18.79
C ILE B 105 20.07 17.41 -18.30
N LYS B 106 20.66 17.65 -17.13
CA LYS B 106 21.62 16.70 -16.54
C LYS B 106 20.95 15.95 -15.39
N ARG B 107 19.90 16.56 -14.83
CA ARG B 107 19.21 16.05 -13.62
C ARG B 107 17.74 16.38 -13.61
N ILE B 108 16.92 15.42 -13.19
CA ILE B 108 15.47 15.50 -13.21
C ILE B 108 14.96 15.15 -11.83
N SER B 109 14.14 16.04 -11.26
CA SER B 109 13.54 15.79 -9.97
C SER B 109 12.08 15.44 -10.14
N THR B 110 11.62 14.43 -9.40
CA THR B 110 10.19 14.09 -9.28
C THR B 110 9.98 13.16 -8.07
N HIS B 111 8.72 12.88 -7.75
CA HIS B 111 8.43 11.84 -6.77
C HIS B 111 8.87 10.49 -7.33
N GLY B 112 9.38 9.63 -6.43
CA GLY B 112 9.90 8.30 -6.79
C GLY B 112 8.91 7.46 -7.57
N HIS B 113 7.62 7.57 -7.25
CA HIS B 113 6.59 6.79 -7.97
C HIS B 113 6.52 7.21 -9.43
N ALA B 114 6.63 8.52 -9.70
CA ALA B 114 6.58 9.02 -11.08
C ALA B 114 7.84 8.58 -11.79
N TRP B 115 8.98 8.74 -11.13
CA TRP B 115 10.25 8.33 -11.74
C TRP B 115 10.20 6.90 -12.22
N ALA B 116 9.68 5.98 -11.40
CA ALA B 116 9.64 4.55 -11.78
C ALA B 116 8.75 4.26 -12.99
N GLN B 117 7.74 5.11 -13.20
CA GLN B 117 6.76 4.93 -14.25
C GLN B 117 7.13 5.60 -15.58
N CYS B 118 8.26 6.32 -15.61
CA CYS B 118 8.68 7.06 -16.80
C CYS B 118 10.03 6.58 -17.30
N ARG B 119 10.50 5.45 -16.75
CA ARG B 119 11.82 4.91 -17.06
C ARG B 119 12.11 4.72 -18.55
N LEU B 120 11.18 4.07 -19.29
CA LEU B 120 11.42 3.79 -20.71
C LEU B 120 11.67 5.07 -21.49
N TRP B 121 10.82 6.08 -21.29
CA TRP B 121 10.99 7.33 -22.01
C TRP B 121 12.33 7.95 -21.68
N VAL B 122 12.63 8.07 -20.39
CA VAL B 122 13.82 8.77 -19.95
C VAL B 122 15.08 8.04 -20.42
N ASP B 123 15.09 6.72 -20.26
CA ASP B 123 16.23 5.90 -20.68
C ASP B 123 16.51 6.01 -22.19
N GLU B 124 15.47 6.17 -22.99
CA GLU B 124 15.66 6.36 -24.42
C GLU B 124 16.02 7.80 -24.78
N HIS B 125 15.21 8.74 -24.29
CA HIS B 125 15.27 10.13 -24.76
C HIS B 125 16.22 11.04 -24.00
N LEU B 126 16.51 10.67 -22.75
CA LEU B 126 17.45 11.42 -21.92
C LEU B 126 18.39 10.46 -21.17
N PRO B 127 19.24 9.69 -21.91
CA PRO B 127 20.03 8.64 -21.26
C PRO B 127 21.11 9.18 -20.33
N ASN B 128 21.44 10.45 -20.49
CA ASN B 128 22.45 11.12 -19.66
C ASN B 128 21.87 11.79 -18.42
N ALA B 129 20.54 11.83 -18.34
CA ALA B 129 19.90 12.46 -17.18
C ALA B 129 19.89 11.52 -15.97
N ASP B 130 20.33 12.04 -14.83
CA ASP B 130 20.30 11.34 -13.55
C ASP B 130 19.13 11.82 -12.70
N TYR B 131 18.74 11.03 -11.71
CA TYR B 131 17.54 11.30 -10.92
C TYR B 131 17.85 12.03 -9.63
N VAL B 132 17.00 13.00 -9.29
CA VAL B 132 17.08 13.71 -8.03
C VAL B 132 15.73 13.51 -7.30
N PRO B 133 15.74 12.76 -6.18
CA PRO B 133 14.51 12.43 -5.48
C PRO B 133 13.75 13.68 -5.05
N GLY B 134 12.45 13.72 -5.29
CA GLY B 134 11.64 14.84 -4.85
C GLY B 134 10.60 14.33 -3.88
N SER B 135 9.86 15.26 -3.28
CA SER B 135 8.89 14.92 -2.24
C SER B 135 7.49 14.77 -2.84
N SER B 136 7.23 15.54 -3.88
CA SER B 136 6.04 15.39 -4.69
C SER B 136 6.39 15.91 -6.07
N THR B 137 5.56 15.57 -7.07
CA THR B 137 5.87 16.03 -8.42
C THR B 137 5.77 17.55 -8.45
N ALA B 138 4.80 18.09 -7.72
CA ALA B 138 4.56 19.54 -7.71
C ALA B 138 5.74 20.30 -7.08
N ALA B 139 6.24 19.80 -5.95
CA ALA B 139 7.37 20.43 -5.27
C ALA B 139 8.60 20.39 -6.15
N SER B 140 8.80 19.25 -6.84
CA SER B 140 9.87 19.13 -7.82
C SER B 140 9.74 20.22 -8.92
N ALA B 141 8.52 20.41 -9.43
CA ALA B 141 8.24 21.42 -10.47
C ALA B 141 8.47 22.85 -9.95
N MSE B 142 7.87 23.17 -8.80
CA MSE B 142 8.00 24.51 -8.21
C MSE B 142 9.45 24.85 -7.88
O MSE B 142 9.83 26.02 -7.89
CB MSE B 142 7.12 24.67 -6.96
CG MSE B 142 5.64 24.62 -7.23
SE MSE B 142 5.05 25.86 -8.65
CE MSE B 142 4.60 27.44 -7.57
N GLY B 143 10.25 23.82 -7.60
CA GLY B 143 11.67 23.96 -7.25
C GLY B 143 12.52 24.55 -8.38
N LEU B 144 12.07 24.34 -9.61
CA LEU B 144 12.73 24.93 -10.79
C LEU B 144 12.72 26.44 -10.78
N LEU B 145 11.71 27.03 -10.14
CA LEU B 145 11.53 28.49 -10.12
C LEU B 145 12.58 29.23 -9.29
N GLU B 146 13.33 28.50 -8.48
CA GLU B 146 14.51 29.03 -7.80
C GLU B 146 15.71 29.02 -8.75
N ASP B 147 16.50 30.11 -8.73
CA ASP B 147 17.62 30.25 -9.67
C ASP B 147 18.71 29.21 -9.42
N ASP B 148 18.85 28.79 -8.16
CA ASP B 148 19.91 27.86 -7.72
C ASP B 148 19.48 26.39 -7.67
N ALA B 149 18.38 26.04 -8.34
CA ALA B 149 17.84 24.67 -8.25
C ALA B 149 18.91 23.63 -8.61
N PRO B 150 19.00 22.51 -7.85
CA PRO B 150 20.07 21.54 -8.16
C PRO B 150 19.69 20.51 -9.25
N TYR B 151 18.70 20.86 -10.09
CA TYR B 151 18.33 20.05 -11.25
C TYR B 151 17.74 20.97 -12.34
N GLU B 152 17.56 20.42 -13.55
CA GLU B 152 17.19 21.23 -14.71
C GLU B 152 15.77 20.99 -15.20
N ALA B 153 15.16 19.88 -14.77
CA ALA B 153 13.81 19.52 -15.23
C ALA B 153 13.03 18.77 -14.17
N ALA B 154 11.71 18.70 -14.34
CA ALA B 154 10.92 17.92 -13.43
C ALA B 154 9.81 17.20 -14.16
N ILE B 155 9.38 16.08 -13.58
CA ILE B 155 8.25 15.32 -14.12
C ILE B 155 7.04 15.64 -13.25
N CYS B 156 5.94 16.04 -13.87
CA CYS B 156 4.80 16.54 -13.11
C CYS B 156 3.50 16.41 -13.88
N ALA B 157 2.44 16.93 -13.29
CA ALA B 157 1.12 16.86 -13.87
C ALA B 157 0.96 17.97 -14.89
N PRO B 158 0.15 17.73 -15.93
CA PRO B 158 -0.16 18.83 -16.86
C PRO B 158 -0.75 20.08 -16.17
N LEU B 159 -1.44 19.90 -15.04
CA LEU B 159 -2.03 21.02 -14.29
C LEU B 159 -1.02 22.10 -13.92
N ILE B 160 0.06 21.66 -13.28
CA ILE B 160 1.12 22.52 -12.80
C ILE B 160 1.80 23.22 -13.98
N ALA B 161 1.97 22.50 -15.09
CA ALA B 161 2.59 23.06 -16.28
C ALA B 161 1.79 24.22 -16.90
N ALA B 162 0.47 24.09 -16.89
CA ALA B 162 -0.43 25.10 -17.45
C ALA B 162 -0.72 26.27 -16.50
N GLU B 163 -0.68 26.00 -15.19
CA GLU B 163 -0.77 27.04 -14.15
C GLU B 163 0.45 27.96 -14.11
N GLN B 164 1.64 27.42 -14.40
CA GLN B 164 2.88 28.18 -14.20
C GLN B 164 3.48 28.66 -15.52
N PRO B 165 3.37 29.99 -15.81
CA PRO B 165 3.90 30.56 -17.03
C PRO B 165 5.43 30.44 -17.10
N GLY B 166 6.07 30.24 -15.95
CA GLY B 166 7.52 30.10 -15.88
C GLY B 166 7.98 28.68 -16.07
N LEU B 167 7.04 27.77 -16.31
CA LEU B 167 7.40 26.39 -16.65
C LEU B 167 7.02 26.02 -18.09
N ASN B 168 8.00 25.53 -18.84
CA ASN B 168 7.81 25.08 -20.21
C ASN B 168 7.78 23.55 -20.32
N VAL B 169 6.81 23.02 -21.05
CA VAL B 169 6.77 21.58 -21.35
C VAL B 169 7.82 21.28 -22.42
N LEU B 170 8.71 20.34 -22.09
CA LEU B 170 9.69 19.81 -23.05
C LEU B 170 9.32 18.41 -23.62
N ALA B 171 8.45 17.71 -22.90
CA ALA B 171 7.95 16.40 -23.33
C ALA B 171 6.60 16.13 -22.70
N GLU B 172 5.75 15.43 -23.43
CA GLU B 172 4.43 15.11 -22.88
C GLU B 172 4.13 13.60 -22.98
N ASP B 173 3.25 13.12 -22.11
CA ASP B 173 2.83 11.71 -22.12
C ASP B 173 4.04 10.79 -22.06
N ILE B 174 4.86 10.97 -21.04
CA ILE B 174 6.14 10.23 -21.00
C ILE B 174 6.05 8.98 -20.11
N GLY B 175 4.86 8.71 -19.57
CA GLY B 175 4.58 7.52 -18.77
C GLY B 175 4.75 6.23 -19.57
N ASP B 176 5.28 5.20 -18.92
CA ASP B 176 5.37 3.85 -19.51
C ASP B 176 4.02 3.34 -19.98
N ASN B 177 2.98 3.59 -19.18
CA ASN B 177 1.66 3.12 -19.52
C ASN B 177 0.73 4.30 -19.82
N PRO B 178 0.30 4.43 -21.10
CA PRO B 178 -0.55 5.59 -21.46
C PRO B 178 -1.95 5.54 -20.81
N ASP B 179 -2.39 4.34 -20.43
CA ASP B 179 -3.68 4.15 -19.79
C ASP B 179 -3.64 4.06 -18.25
N ALA B 180 -2.47 4.32 -17.66
CA ALA B 180 -2.32 4.28 -16.19
C ALA B 180 -3.30 5.22 -15.50
N VAL B 181 -3.81 4.81 -14.35
CA VAL B 181 -4.80 5.58 -13.58
C VAL B 181 -4.53 5.57 -12.06
N THR B 182 -4.88 6.68 -11.40
CA THR B 182 -4.93 6.72 -9.94
C THR B 182 -6.39 6.69 -9.55
N ARG B 183 -6.72 5.93 -8.51
CA ARG B 183 -8.07 6.00 -7.91
C ARG B 183 -8.00 6.84 -6.64
N PHE B 184 -8.96 7.76 -6.49
CA PHE B 184 -9.05 8.67 -5.37
C PHE B 184 -10.40 8.50 -4.72
N ILE B 185 -10.49 8.84 -3.45
CA ILE B 185 -11.78 8.85 -2.75
C ILE B 185 -12.01 10.20 -2.09
N LEU B 186 -13.28 10.61 -2.06
CA LEU B 186 -13.70 11.85 -1.39
C LEU B 186 -14.36 11.47 -0.08
N VAL B 187 -13.82 11.97 1.02
CA VAL B 187 -14.20 11.51 2.33
C VAL B 187 -14.86 12.64 3.12
N SER B 188 -16.06 12.41 3.62
CA SER B 188 -16.74 13.43 4.41
C SER B 188 -17.16 12.84 5.75
N ARG B 189 -17.72 13.69 6.63
CA ARG B 189 -18.42 13.20 7.83
C ARG B 189 -19.69 12.47 7.41
N PRO B 190 -20.24 11.61 8.30
CA PRO B 190 -21.46 10.86 8.02
C PRO B 190 -22.66 11.77 7.80
N GLY B 191 -23.43 11.48 6.76
CA GLY B 191 -24.66 12.21 6.46
C GLY B 191 -25.69 11.23 5.92
N ALA B 192 -26.46 11.66 4.94
CA ALA B 192 -27.36 10.72 4.25
C ALA B 192 -26.54 9.90 3.23
N LEU B 193 -27.02 8.69 2.95
CA LEU B 193 -26.41 7.85 1.93
C LEU B 193 -26.59 8.50 0.57
N PRO B 194 -25.50 8.61 -0.22
CA PRO B 194 -25.65 9.06 -1.60
C PRO B 194 -26.68 8.20 -2.30
N GLU B 195 -27.40 8.76 -3.27
CA GLU B 195 -28.43 8.00 -3.96
C GLU B 195 -27.83 6.81 -4.70
N ARG B 196 -28.55 5.70 -4.68
CA ARG B 196 -28.19 4.52 -5.45
C ARG B 196 -28.27 4.81 -6.95
N THR B 197 -27.26 4.39 -7.71
CA THR B 197 -27.27 4.60 -9.17
C THR B 197 -27.46 3.31 -9.95
N GLY B 198 -27.17 2.16 -9.32
CA GLY B 198 -27.22 0.88 -10.02
C GLY B 198 -25.82 0.42 -10.41
N ALA B 199 -24.85 1.33 -10.30
CA ALA B 199 -23.44 1.03 -10.45
C ALA B 199 -22.80 1.73 -9.24
N ASP B 200 -22.79 0.99 -8.13
CA ASP B 200 -22.36 1.51 -6.84
C ASP B 200 -21.34 0.60 -6.18
N LYS B 201 -20.65 1.15 -5.18
CA LYS B 201 -19.62 0.45 -4.48
C LYS B 201 -19.88 0.71 -3.01
N THR B 202 -19.55 -0.27 -2.17
CA THR B 202 -19.66 -0.15 -0.73
C THR B 202 -18.36 -0.60 -0.04
N THR B 203 -17.92 0.16 0.96
CA THR B 203 -16.68 -0.11 1.64
C THR B 203 -16.99 -0.35 3.11
N VAL B 204 -16.31 -1.34 3.67
CA VAL B 204 -16.39 -1.66 5.10
C VAL B 204 -14.99 -1.98 5.62
N VAL B 205 -14.82 -1.84 6.94
CA VAL B 205 -13.63 -2.33 7.61
C VAL B 205 -14.11 -3.31 8.68
N VAL B 206 -13.68 -4.57 8.54
CA VAL B 206 -14.17 -5.67 9.38
C VAL B 206 -13.08 -6.14 10.32
N PRO B 207 -13.27 -5.91 11.64
CA PRO B 207 -12.27 -6.47 12.55
C PRO B 207 -12.40 -7.99 12.67
N LEU B 208 -11.26 -8.65 12.78
CA LEU B 208 -11.22 -10.09 12.95
C LEU B 208 -11.35 -10.44 14.44
N PRO B 209 -12.47 -11.07 14.82
CA PRO B 209 -12.62 -11.46 16.24
C PRO B 209 -11.67 -12.55 16.73
N GLU B 210 -11.43 -13.60 15.94
CA GLU B 210 -10.51 -14.69 16.33
C GLU B 210 -9.69 -15.19 15.14
N ASP B 211 -8.39 -15.42 15.36
CA ASP B 211 -7.50 -15.83 14.27
C ASP B 211 -7.37 -17.34 14.17
N HIS B 212 -7.89 -17.89 13.09
CA HIS B 212 -7.85 -19.33 12.83
C HIS B 212 -8.09 -19.55 11.33
N PRO B 213 -7.70 -20.74 10.78
CA PRO B 213 -7.98 -21.00 9.36
C PRO B 213 -9.46 -20.89 9.02
N GLY B 214 -9.78 -20.26 7.91
CA GLY B 214 -11.19 -20.11 7.54
C GLY B 214 -11.93 -18.97 8.23
N ALA B 215 -11.23 -18.19 9.05
CA ALA B 215 -11.88 -17.01 9.69
C ALA B 215 -12.21 -15.90 8.67
N LEU B 216 -11.27 -15.61 7.77
CA LEU B 216 -11.54 -14.69 6.67
C LEU B 216 -12.65 -15.24 5.76
N MSE B 217 -12.54 -16.54 5.40
CA MSE B 217 -13.59 -17.24 4.64
C MSE B 217 -15.00 -16.91 5.14
O MSE B 217 -15.90 -16.60 4.34
CB MSE B 217 -13.41 -18.76 4.75
CG MSE B 217 -12.15 -19.29 4.13
SE MSE B 217 -12.45 -19.80 2.30
CE MSE B 217 -13.82 -21.18 2.59
N GLU B 218 -15.18 -17.01 6.45
CA GLU B 218 -16.45 -16.69 7.10
C GLU B 218 -16.94 -15.25 6.80
N ILE B 219 -16.01 -14.30 6.83
CA ILE B 219 -16.27 -12.88 6.52
CA ILE B 219 -16.29 -12.89 6.53
C ILE B 219 -16.61 -12.70 5.04
N LEU B 220 -15.72 -13.19 4.17
CA LEU B 220 -15.93 -13.22 2.73
C LEU B 220 -17.26 -13.86 2.29
N ASP B 221 -17.67 -14.95 2.95
CA ASP B 221 -18.92 -15.66 2.62
C ASP B 221 -20.16 -14.78 2.71
N GLN B 222 -20.16 -13.81 3.61
CA GLN B 222 -21.31 -12.92 3.80
C GLN B 222 -21.64 -12.18 2.50
N PHE B 223 -20.60 -11.84 1.75
CA PHE B 223 -20.73 -11.24 0.40
C PHE B 223 -21.02 -12.32 -0.64
N ALA B 224 -20.18 -13.36 -0.66
CA ALA B 224 -20.25 -14.37 -1.72
C ALA B 224 -21.59 -15.13 -1.75
N SER B 225 -22.09 -15.50 -0.59
CA SER B 225 -23.33 -16.28 -0.53
C SER B 225 -24.51 -15.44 -0.99
N ARG B 226 -24.29 -14.13 -1.18
CA ARG B 226 -25.34 -13.18 -1.56
C ARG B 226 -25.11 -12.53 -2.92
N GLY B 227 -24.17 -13.08 -3.68
CA GLY B 227 -23.94 -12.62 -5.06
C GLY B 227 -23.24 -11.27 -5.15
N VAL B 228 -22.46 -10.95 -4.12
CA VAL B 228 -21.85 -9.64 -3.99
C VAL B 228 -20.36 -9.79 -4.26
N ASN B 229 -19.97 -9.21 -5.39
CA ASN B 229 -18.61 -9.23 -5.88
C ASN B 229 -17.78 -8.25 -5.06
N LEU B 230 -16.49 -8.55 -4.90
CA LEU B 230 -15.55 -7.68 -4.20
C LEU B 230 -14.53 -7.16 -5.19
N SER B 231 -14.07 -5.93 -4.98
CA SER B 231 -13.08 -5.35 -5.86
C SER B 231 -11.78 -5.03 -5.15
N ARG B 232 -11.78 -5.09 -3.83
CA ARG B 232 -10.56 -4.81 -3.08
C ARG B 232 -10.59 -5.50 -1.73
N ILE B 233 -9.50 -6.15 -1.35
CA ILE B 233 -9.39 -6.65 0.01
C ILE B 233 -7.97 -6.44 0.51
N GLU B 234 -7.85 -5.93 1.74
CA GLU B 234 -6.54 -5.85 2.39
C GLU B 234 -6.65 -6.17 3.87
N SER B 235 -5.78 -7.05 4.34
CA SER B 235 -5.65 -7.31 5.76
C SER B 235 -4.58 -6.37 6.37
N ARG B 236 -4.83 -5.94 7.60
CA ARG B 236 -3.87 -5.11 8.33
C ARG B 236 -3.71 -5.58 9.76
N PRO B 237 -2.46 -5.87 10.21
CA PRO B 237 -2.30 -6.16 11.64
C PRO B 237 -2.63 -4.92 12.45
N THR B 238 -3.24 -5.13 13.60
CA THR B 238 -3.67 -4.01 14.43
C THR B 238 -2.81 -3.84 15.68
N LEU B 242 -8.24 -9.35 20.49
CA LEU B 242 -8.95 -9.68 19.26
C LEU B 242 -8.09 -10.62 18.39
N GLY B 243 -8.52 -10.84 17.15
CA GLY B 243 -7.77 -11.65 16.18
C GLY B 243 -6.57 -10.92 15.57
N HIS B 244 -6.42 -9.64 15.93
CA HIS B 244 -5.23 -8.83 15.60
C HIS B 244 -5.17 -8.35 14.14
N TYR B 245 -6.32 -8.35 13.46
CA TYR B 245 -6.41 -7.83 12.12
C TYR B 245 -7.71 -7.05 11.86
N PHE B 246 -7.62 -6.11 10.93
CA PHE B 246 -8.82 -5.65 10.25
CA PHE B 246 -8.77 -5.52 10.25
C PHE B 246 -8.70 -5.95 8.77
N PHE B 247 -9.85 -6.11 8.14
CA PHE B 247 -9.96 -6.32 6.70
C PHE B 247 -10.65 -5.12 6.06
N SER B 248 -9.93 -4.43 5.18
CA SER B 248 -10.52 -3.29 4.48
C SER B 248 -11.05 -3.79 3.12
N ILE B 249 -12.35 -3.59 2.87
CA ILE B 249 -13.04 -4.29 1.78
C ILE B 249 -13.89 -3.37 0.93
N ASP B 250 -13.73 -3.43 -0.40
CA ASP B 250 -14.68 -2.77 -1.31
C ASP B 250 -15.60 -3.83 -1.93
N ALA B 251 -16.91 -3.61 -1.86
CA ALA B 251 -17.87 -4.52 -2.50
C ALA B 251 -18.70 -3.82 -3.57
N ASP B 252 -19.14 -4.58 -4.56
CA ASP B 252 -20.01 -4.07 -5.61
CA ASP B 252 -19.99 -4.05 -5.59
C ASP B 252 -21.43 -3.95 -5.07
N GLY B 253 -22.08 -2.83 -5.32
CA GLY B 253 -23.44 -2.62 -4.79
C GLY B 253 -23.53 -1.50 -3.79
N HIS B 254 -24.78 -1.21 -3.37
CA HIS B 254 -25.14 -0.07 -2.53
C HIS B 254 -25.84 -0.66 -1.30
N ALA B 255 -25.67 -0.03 -0.13
CA ALA B 255 -26.26 -0.52 1.12
C ALA B 255 -27.79 -0.70 0.97
N THR B 256 -28.37 0.04 0.05
CA THR B 256 -29.80 0.03 -0.22
C THR B 256 -30.27 -1.26 -0.94
N ASP B 257 -29.37 -1.89 -1.70
CA ASP B 257 -29.69 -3.14 -2.39
C ASP B 257 -29.94 -4.22 -1.34
N SER B 258 -31.03 -4.97 -1.50
CA SER B 258 -31.39 -5.98 -0.49
C SER B 258 -30.25 -6.96 -0.19
N ARG B 259 -29.56 -7.45 -1.22
CA ARG B 259 -28.48 -8.42 -1.00
C ARG B 259 -27.33 -7.81 -0.20
N VAL B 260 -27.07 -6.52 -0.41
CA VAL B 260 -25.99 -5.81 0.30
C VAL B 260 -26.38 -5.50 1.73
N ALA B 261 -27.61 -5.02 1.96
CA ALA B 261 -28.07 -4.77 3.31
C ALA B 261 -27.98 -6.06 4.13
N ASP B 262 -28.35 -7.18 3.50
CA ASP B 262 -28.37 -8.47 4.17
C ASP B 262 -26.94 -8.95 4.43
N ALA B 263 -26.03 -8.72 3.48
CA ALA B 263 -24.59 -9.03 3.72
C ALA B 263 -24.04 -8.23 4.92
N LEU B 264 -24.35 -6.93 4.98
CA LEU B 264 -23.99 -6.08 6.11
C LEU B 264 -24.51 -6.62 7.44
N ALA B 265 -25.75 -7.08 7.46
CA ALA B 265 -26.26 -7.72 8.68
C ALA B 265 -25.44 -8.95 9.06
N GLY B 266 -25.13 -9.81 8.08
CA GLY B 266 -24.30 -10.98 8.30
C GLY B 266 -22.93 -10.61 8.84
N LEU B 267 -22.35 -9.55 8.30
CA LEU B 267 -21.04 -9.08 8.77
C LEU B 267 -21.10 -8.68 10.24
N HIS B 268 -22.06 -7.83 10.58
CA HIS B 268 -22.25 -7.40 11.96
C HIS B 268 -22.36 -8.59 12.96
N ARG B 269 -23.13 -9.60 12.61
CA ARG B 269 -23.33 -10.75 13.49
CA ARG B 269 -23.32 -10.77 13.48
C ARG B 269 -21.98 -11.41 13.82
N ILE B 270 -21.15 -11.61 12.81
CA ILE B 270 -19.82 -12.19 13.04
C ILE B 270 -18.89 -11.22 13.75
N SER B 271 -18.99 -9.94 13.42
CA SER B 271 -18.04 -8.95 13.89
C SER B 271 -18.78 -7.65 14.13
N PRO B 272 -19.38 -7.49 15.32
CA PRO B 272 -20.24 -6.34 15.61
C PRO B 272 -19.55 -4.98 15.68
N ALA B 273 -18.20 -4.98 15.78
CA ALA B 273 -17.44 -3.74 15.65
C ALA B 273 -17.12 -3.34 14.20
N THR B 274 -17.69 -4.06 13.22
CA THR B 274 -17.54 -3.70 11.80
C THR B 274 -17.88 -2.23 11.57
N ARG B 275 -17.08 -1.57 10.75
CA ARG B 275 -17.32 -0.18 10.41
C ARG B 275 -17.80 -0.02 8.97
N PHE B 276 -18.88 0.74 8.82
CA PHE B 276 -19.43 1.08 7.51
C PHE B 276 -18.73 2.33 6.97
N LEU B 277 -18.16 2.22 5.77
CA LEU B 277 -17.43 3.36 5.22
C LEU B 277 -18.10 4.03 4.02
N GLY B 278 -19.38 3.73 3.80
CA GLY B 278 -20.14 4.43 2.78
C GLY B 278 -20.53 3.58 1.59
N SER B 279 -21.61 3.98 0.93
CA SER B 279 -21.98 3.47 -0.38
C SER B 279 -21.94 4.67 -1.32
N TYR B 280 -21.46 4.47 -2.54
CA TYR B 280 -21.20 5.59 -3.45
C TYR B 280 -21.10 5.12 -4.89
N ALA B 281 -21.18 6.04 -5.86
CA ALA B 281 -21.24 5.66 -7.25
C ALA B 281 -19.88 5.19 -7.73
N ARG B 282 -19.88 4.15 -8.56
CA ARG B 282 -18.69 3.63 -9.19
C ARG B 282 -18.18 4.61 -10.22
N ALA B 283 -16.88 4.91 -10.16
CA ALA B 283 -16.22 5.74 -11.16
C ALA B 283 -16.26 5.05 -12.51
N ASP B 284 -16.30 3.71 -12.53
CA ASP B 284 -16.26 3.00 -13.81
C ASP B 284 -17.64 2.88 -14.44
N LYS B 285 -18.67 3.28 -13.68
CA LYS B 285 -20.05 3.27 -14.15
C LYS B 285 -20.54 1.92 -14.67
N GLN B 286 -19.99 0.83 -14.15
CA GLN B 286 -20.41 -0.53 -14.56
C GLN B 286 -21.38 -1.06 -13.53
N PRO B 287 -22.63 -1.33 -13.94
CA PRO B 287 -23.63 -1.82 -12.99
C PRO B 287 -23.33 -3.25 -12.61
N ALA B 288 -23.56 -3.61 -11.35
CA ALA B 288 -23.39 -5.00 -10.96
C ALA B 288 -24.35 -5.87 -11.77
N VAL B 289 -23.86 -7.03 -12.17
CA VAL B 289 -24.70 -8.04 -12.74
C VAL B 289 -25.28 -8.82 -11.55
N VAL B 290 -26.59 -8.74 -11.41
CA VAL B 290 -27.27 -9.28 -10.26
C VAL B 290 -27.84 -10.64 -10.62
N ALA B 291 -27.32 -11.68 -9.95
CA ALA B 291 -27.88 -13.02 -10.11
C ALA B 291 -29.35 -12.96 -9.67
N PRO B 292 -30.26 -13.54 -10.47
CA PRO B 292 -31.68 -13.44 -10.16
C PRO B 292 -32.07 -13.84 -8.74
N HIS B 293 -31.46 -14.90 -8.19
CA HIS B 293 -31.85 -15.33 -6.83
C HIS B 293 -31.35 -14.40 -5.74
N THR B 294 -30.83 -13.25 -6.15
CA THR B 294 -30.08 -12.36 -5.31
C THR B 294 -30.72 -10.95 -5.42
N SER B 295 -31.71 -10.84 -6.31
CA SER B 295 -32.32 -9.57 -6.65
C SER B 295 -33.19 -9.06 -5.51
N ASP B 296 -33.53 -7.78 -5.55
CA ASP B 296 -34.45 -7.24 -4.55
C ASP B 296 -35.77 -7.97 -4.56
N ALA B 297 -36.25 -8.33 -5.75
CA ALA B 297 -37.55 -9.03 -5.88
C ALA B 297 -37.49 -10.42 -5.22
N ALA B 298 -36.37 -11.12 -5.42
CA ALA B 298 -36.16 -12.43 -4.79
C ALA B 298 -36.17 -12.35 -3.26
N PHE B 299 -35.45 -11.38 -2.70
CA PHE B 299 -35.49 -11.12 -1.25
C PHE B 299 -36.91 -10.80 -0.75
N ALA B 300 -37.64 -9.94 -1.46
CA ALA B 300 -39.03 -9.62 -1.06
C ALA B 300 -39.92 -10.85 -1.13
N SER B 301 -39.79 -11.65 -2.19
CA SER B 301 -40.59 -12.87 -2.35
C SER B 301 -40.34 -13.90 -1.24
N ALA B 302 -39.09 -14.05 -0.85
CA ALA B 302 -38.71 -15.03 0.16
C ALA B 302 -39.20 -14.58 1.53
N HIS B 303 -39.08 -13.30 1.82
CA HIS B 303 -39.53 -12.74 3.10
C HIS B 303 -41.04 -12.82 3.23
N ALA B 304 -41.75 -12.55 2.13
CA ALA B 304 -43.21 -12.70 2.10
C ALA B 304 -43.63 -14.14 2.33
N TRP B 305 -42.87 -15.08 1.79
CA TRP B 305 -43.15 -16.50 1.95
C TRP B 305 -42.95 -16.95 3.41
N VAL B 306 -41.87 -16.47 4.03
CA VAL B 306 -41.63 -16.77 5.43
C VAL B 306 -42.74 -16.16 6.30
N ASP B 307 -43.09 -14.89 6.04
CA ASP B 307 -44.17 -14.26 6.79
CA ASP B 307 -44.17 -14.24 6.80
C ASP B 307 -45.47 -15.06 6.75
N SER B 308 -45.82 -15.59 5.57
CA SER B 308 -47.06 -16.38 5.41
C SER B 308 -47.03 -17.66 6.27
N ILE B 309 -45.82 -18.20 6.48
CA ILE B 309 -45.62 -19.33 7.40
C ILE B 309 -45.77 -18.87 8.83
N LEU B 310 -45.03 -17.81 9.17
CA LEU B 310 -45.04 -17.27 10.55
C LEU B 310 -46.42 -16.83 11.00
N LYS B 311 -47.23 -16.37 10.05
CA LYS B 311 -48.54 -15.83 10.40
C LYS B 311 -49.72 -16.74 10.01
N GLY B 312 -49.42 -17.91 9.45
CA GLY B 312 -50.45 -18.79 8.87
C GLY B 312 -51.47 -19.27 9.88
N PHE C . -5.68 -16.29 9.77
CA PHE C . -7.14 -16.17 9.37
C PHE C . -7.43 -17.03 8.14
O PHE C . -8.55 -16.95 7.56
CB PHE C . -7.56 -14.69 9.13
CG PHE C . -6.64 -13.92 8.19
CD1 PHE C . -6.67 -14.13 6.79
CD2 PHE C . -5.75 -12.96 8.72
CE1 PHE C . -5.82 -13.43 5.94
CE2 PHE C . -4.89 -12.23 7.86
CZ PHE C . -4.93 -12.47 6.46
OXT PHE C . -6.52 -17.77 7.68
N PHE D . -14.50 -10.30 -7.34
CA PHE D . -14.00 -11.58 -6.80
C PHE D . -14.67 -11.98 -5.48
O PHE D . -15.56 -11.31 -4.99
CB PHE D . -12.46 -11.58 -6.69
CG PHE D . -11.89 -10.46 -5.83
CD1 PHE D . -11.93 -10.52 -4.43
CD2 PHE D . -11.26 -9.37 -6.44
CE1 PHE D . -11.36 -9.51 -3.65
CE2 PHE D . -10.67 -8.35 -5.64
CZ PHE D . -10.75 -8.42 -4.26
OXT PHE D . -14.34 -13.02 -4.88
MG MG E . 3.66 26.79 -18.28
#